data_7D6M
#
_entry.id   7D6M
#
_cell.length_a   35.027
_cell.length_b   49.468
_cell.length_c   85.274
_cell.angle_alpha   79.660
_cell.angle_beta   82.780
_cell.angle_gamma   77.070
#
_symmetry.space_group_name_H-M   'P 1'
#
loop_
_entity.id
_entity.type
_entity.pdbx_description
1 polymer 'Tick-borne encephalitis virus methyltransferase'
2 non-polymer S-ADENOSYLMETHIONINE
3 water water
#
_entity_poly.entity_id   1
_entity_poly.type   'polypeptide(L)'
_entity_poly.pdbx_seq_one_letter_code
;MTLGDLWKRKLNGCTKEEFFAYRRTGILETERDKARELLRRGETNMGLAVSRGTAKLAWLEERGYATLKGEVVDLGCGRG
GWSYYAASRPAVMSVKAYTIGGKGHETPKMVTSLGWNLIKFRAGMDVFSMQPHRADTIMCDIGESNPDAVVEGERTRKVI
LLMEQWKNRNPTATCVFKVLAPYRPEVIEALHRFQLQWGGGLVRTPFSRNSTHEMYYSTAVTGNIVNSVNIQSRKLLARF
GDQRGPTRVPELDLGVGTRGSSSHHHHHH
;
_entity_poly.pdbx_strand_id   A,B
#
loop_
_chem_comp.id
_chem_comp.type
_chem_comp.name
_chem_comp.formula
SAM non-polymer S-ADENOSYLMETHIONINE 'C15 H22 N6 O5 S'
#
# COMPACT_ATOMS: atom_id res chain seq x y z
N MET A 1 8.48 9.33 -9.34
CA MET A 1 8.45 8.70 -8.04
C MET A 1 7.66 7.40 -8.10
N THR A 2 8.00 6.41 -7.26
CA THR A 2 7.34 5.10 -7.31
C THR A 2 6.56 4.81 -6.04
N LEU A 3 5.82 3.70 -6.06
CA LEU A 3 5.15 3.22 -4.86
C LEU A 3 6.18 2.90 -3.76
N GLY A 4 7.30 2.30 -4.13
CA GLY A 4 8.30 1.99 -3.13
C GLY A 4 8.91 3.23 -2.51
N ASP A 5 9.11 4.29 -3.31
CA ASP A 5 9.53 5.57 -2.77
C ASP A 5 8.52 6.09 -1.74
N LEU A 6 7.23 5.97 -2.03
CA LEU A 6 6.24 6.46 -1.07
C LEU A 6 6.29 5.65 0.22
N TRP A 7 6.38 4.32 0.10
CA TRP A 7 6.55 3.46 1.28
C TRP A 7 7.74 3.89 2.11
N LYS A 8 8.86 4.21 1.46
CA LYS A 8 10.06 4.62 2.20
C LYS A 8 9.79 5.90 2.99
N ARG A 9 9.25 6.91 2.31
CA ARG A 9 8.88 8.15 2.99
C ARG A 9 7.81 7.90 4.05
N LYS A 10 6.84 7.04 3.75
CA LYS A 10 5.86 6.67 4.76
C LYS A 10 6.55 6.05 5.97
N LEU A 11 7.51 5.16 5.72
CA LEU A 11 8.16 4.45 6.82
C LEU A 11 9.01 5.40 7.66
N ASN A 12 9.68 6.37 7.01
CA ASN A 12 10.46 7.34 7.77
C ASN A 12 9.59 8.19 8.69
N GLY A 13 8.32 8.39 8.32
CA GLY A 13 7.42 9.21 9.12
C GLY A 13 6.94 8.55 10.39
N CYS A 14 7.05 7.22 10.50
CA CYS A 14 6.57 6.49 11.66
C CYS A 14 7.26 6.97 12.94
N THR A 15 6.50 6.97 14.04
CA THR A 15 7.14 7.13 15.33
C THR A 15 7.82 5.81 15.71
N LYS A 16 8.50 5.81 16.86
CA LYS A 16 9.16 4.59 17.33
C LYS A 16 8.15 3.47 17.49
N GLU A 17 7.09 3.71 18.27
CA GLU A 17 6.13 2.67 18.58
C GLU A 17 5.46 2.14 17.32
N GLU A 18 5.16 3.04 16.36
CA GLU A 18 4.56 2.56 15.12
C GLU A 18 5.58 1.81 14.26
N PHE A 19 6.86 2.20 14.33
CA PHE A 19 7.89 1.44 13.64
C PHE A 19 8.00 0.02 14.20
N PHE A 20 7.91 -0.12 15.52
CA PHE A 20 7.98 -1.46 16.12
C PHE A 20 6.75 -2.29 15.77
N ALA A 21 5.57 -1.68 15.74
CA ALA A 21 4.36 -2.43 15.40
C ALA A 21 4.30 -2.74 13.91
N TYR A 22 4.84 -1.89 13.06
CA TYR A 22 4.77 -2.12 11.62
C TYR A 22 5.74 -3.21 11.17
N ARG A 23 6.98 -3.18 11.68
CA ARG A 23 8.09 -3.87 11.02
C ARG A 23 7.91 -5.38 11.01
N ARG A 24 7.16 -5.94 11.97
CA ARG A 24 7.03 -7.39 12.08
C ARG A 24 5.62 -7.92 11.89
N THR A 25 4.63 -7.07 11.61
CA THR A 25 3.26 -7.57 11.52
C THR A 25 3.10 -8.42 10.25
N GLY A 26 2.54 -9.61 10.42
CA GLY A 26 2.29 -10.52 9.32
C GLY A 26 3.51 -11.19 8.72
N ILE A 27 4.69 -11.08 9.33
CA ILE A 27 5.86 -11.74 8.78
C ILE A 27 6.10 -13.05 9.53
N LEU A 28 6.84 -13.95 8.88
CA LEU A 28 7.39 -15.13 9.54
C LEU A 28 8.69 -14.74 10.24
N GLU A 29 8.93 -15.35 11.40
CA GLU A 29 10.10 -14.98 12.21
C GLU A 29 10.61 -16.22 12.94
N THR A 30 11.91 -16.52 12.76
CA THR A 30 12.47 -17.65 13.49
C THR A 30 12.63 -17.30 14.96
N GLU A 31 12.33 -18.26 15.82
CA GLU A 31 12.53 -18.07 17.24
C GLU A 31 14.01 -18.26 17.55
N ARG A 32 14.69 -17.17 17.90
CA ARG A 32 16.13 -17.20 18.11
C ARG A 32 16.53 -17.02 19.56
N ASP A 33 15.61 -17.25 20.51
CA ASP A 33 15.96 -17.16 21.93
C ASP A 33 17.22 -17.96 22.25
N LYS A 34 17.24 -19.22 21.82
CA LYS A 34 18.38 -20.08 22.12
C LYS A 34 19.61 -19.68 21.31
N ALA A 35 19.44 -19.45 20.00
CA ALA A 35 20.59 -19.14 19.15
C ALA A 35 21.26 -17.84 19.59
N ARG A 36 20.47 -16.80 19.87
CA ARG A 36 21.04 -15.57 20.40
C ARG A 36 21.87 -15.84 21.64
N GLU A 37 21.40 -16.76 22.50
CA GLU A 37 22.14 -17.02 23.73
C GLU A 37 23.41 -17.81 23.47
N LEU A 38 23.38 -18.76 22.54
CA LEU A 38 24.60 -19.46 22.15
C LEU A 38 25.62 -18.48 21.60
N LEU A 39 25.17 -17.53 20.78
CA LEU A 39 26.06 -16.51 20.26
C LEU A 39 26.54 -15.56 21.36
N ARG A 40 25.67 -15.24 22.32
CA ARG A 40 26.09 -14.35 23.40
C ARG A 40 27.22 -14.98 24.21
N ARG A 41 27.15 -16.29 24.43
CA ARG A 41 28.29 -17.02 24.97
C ARG A 41 29.34 -17.15 23.89
N GLY A 42 30.38 -17.93 24.14
CA GLY A 42 31.35 -18.14 23.09
C GLY A 42 31.06 -19.41 22.33
N GLU A 43 29.84 -19.93 22.46
CA GLU A 43 29.56 -21.31 22.12
C GLU A 43 29.97 -21.66 20.70
N THR A 44 30.98 -22.51 20.58
CA THR A 44 31.51 -22.95 19.30
C THR A 44 30.82 -24.21 18.80
N ASN A 45 30.34 -25.04 19.71
CA ASN A 45 29.50 -26.17 19.31
C ASN A 45 28.09 -25.62 19.07
N MET A 46 27.74 -25.40 17.81
CA MET A 46 26.46 -24.79 17.49
C MET A 46 26.07 -25.11 16.05
N GLY A 47 24.86 -25.64 15.87
CA GLY A 47 24.35 -25.90 14.54
C GLY A 47 23.14 -25.04 14.26
N LEU A 48 22.62 -24.41 15.31
CA LEU A 48 21.57 -23.42 15.14
C LEU A 48 22.07 -22.27 14.27
N ALA A 49 21.13 -21.61 13.57
CA ALA A 49 21.51 -20.55 12.66
C ALA A 49 22.27 -19.47 13.39
N VAL A 50 23.37 -19.00 12.78
CA VAL A 50 24.13 -17.90 13.39
C VAL A 50 23.46 -16.56 13.17
N SER A 51 22.39 -16.50 12.36
CA SER A 51 21.71 -15.26 12.04
C SER A 51 20.34 -15.58 11.42
N ARG A 52 19.53 -14.54 11.20
CA ARG A 52 18.25 -14.67 10.50
C ARG A 52 18.41 -14.82 9.00
N GLY A 53 19.64 -14.71 8.48
CA GLY A 53 19.85 -14.95 7.08
C GLY A 53 19.72 -16.41 6.68
N THR A 54 20.01 -17.34 7.60
CA THR A 54 20.00 -18.75 7.24
C THR A 54 18.60 -19.18 6.77
N ALA A 55 17.57 -18.83 7.52
CA ALA A 55 16.20 -19.24 7.17
C ALA A 55 15.75 -18.63 5.85
N LYS A 56 16.22 -17.42 5.53
CA LYS A 56 15.85 -16.77 4.28
C LYS A 56 16.41 -17.53 3.09
N LEU A 57 17.69 -17.92 3.16
CA LEU A 57 18.26 -18.71 2.07
C LEU A 57 17.61 -20.09 2.00
N ALA A 58 17.30 -20.68 3.15
CA ALA A 58 16.64 -21.97 3.16
C ALA A 58 15.25 -21.87 2.57
N TRP A 59 14.52 -20.80 2.91
CA TRP A 59 13.22 -20.59 2.29
C TRP A 59 13.35 -20.53 0.77
N LEU A 60 14.31 -19.77 0.27
CA LEU A 60 14.54 -19.68 -1.17
C LEU A 60 14.91 -21.04 -1.77
N GLU A 61 15.84 -21.77 -1.13
CA GLU A 61 16.23 -23.04 -1.72
C GLU A 61 15.08 -24.02 -1.73
N GLU A 62 14.37 -24.14 -0.61
CA GLU A 62 13.31 -25.14 -0.49
C GLU A 62 12.10 -24.84 -1.36
N ARG A 63 11.92 -23.60 -1.83
CA ARG A 63 10.87 -23.27 -2.79
C ARG A 63 11.30 -23.54 -4.23
N GLY A 64 12.54 -23.97 -4.44
CA GLY A 64 13.07 -24.08 -5.78
C GLY A 64 13.54 -22.76 -6.37
N TYR A 65 13.58 -21.70 -5.57
CA TYR A 65 13.94 -20.39 -6.08
C TYR A 65 15.45 -20.16 -6.16
N ALA A 66 16.24 -20.97 -5.47
CA ALA A 66 17.70 -20.79 -5.44
C ALA A 66 18.37 -22.14 -5.52
N THR A 67 19.38 -22.27 -6.39
CA THR A 67 20.17 -23.48 -6.53
C THR A 67 21.50 -23.33 -5.78
N LEU A 68 21.87 -24.35 -5.02
CA LEU A 68 23.15 -24.36 -4.30
C LEU A 68 23.89 -25.64 -4.66
N LYS A 69 25.01 -25.50 -5.37
CA LYS A 69 25.77 -26.67 -5.79
C LYS A 69 27.23 -26.28 -6.06
N GLY A 70 28.10 -27.27 -5.94
CA GLY A 70 29.48 -27.12 -6.39
C GLY A 70 30.28 -26.15 -5.54
N GLU A 71 31.08 -25.34 -6.22
CA GLU A 71 31.90 -24.32 -5.57
C GLU A 71 31.05 -23.07 -5.33
N VAL A 72 30.71 -22.81 -4.08
CA VAL A 72 29.86 -21.70 -3.74
C VAL A 72 30.74 -20.52 -3.32
N VAL A 73 30.27 -19.33 -3.64
CA VAL A 73 30.87 -18.08 -3.20
C VAL A 73 29.78 -17.29 -2.48
N ASP A 74 30.06 -16.90 -1.25
CA ASP A 74 29.20 -16.01 -0.46
C ASP A 74 29.89 -14.64 -0.40
N LEU A 75 29.33 -13.67 -1.10
CA LEU A 75 29.88 -12.30 -1.13
C LEU A 75 29.15 -11.43 -0.12
N GLY A 76 29.89 -11.01 0.92
CA GLY A 76 29.33 -10.29 2.06
C GLY A 76 28.69 -11.25 3.04
N CYS A 77 29.49 -12.14 3.63
CA CYS A 77 28.91 -13.21 4.45
C CYS A 77 28.53 -12.76 5.86
N GLY A 78 29.06 -11.64 6.34
CA GLY A 78 28.75 -11.25 7.70
C GLY A 78 29.08 -12.35 8.70
N ARG A 79 28.13 -12.67 9.58
CA ARG A 79 28.32 -13.77 10.52
C ARG A 79 28.44 -15.11 9.82
N GLY A 80 27.87 -15.24 8.63
CA GLY A 80 28.03 -16.41 7.80
C GLY A 80 26.80 -17.31 7.68
N GLY A 81 25.61 -16.80 8.01
CA GLY A 81 24.41 -17.64 8.00
C GLY A 81 24.19 -18.35 6.67
N TRP A 82 24.36 -17.61 5.56
CA TRP A 82 24.25 -18.26 4.25
C TRP A 82 25.40 -19.23 4.02
N SER A 83 26.60 -18.89 4.48
CA SER A 83 27.74 -19.77 4.32
C SER A 83 27.50 -21.13 5.00
N TYR A 84 27.04 -21.10 6.25
CA TYR A 84 26.76 -22.33 6.97
C TYR A 84 25.62 -23.10 6.34
N TYR A 85 24.61 -22.39 5.84
CA TYR A 85 23.53 -23.09 5.16
C TYR A 85 24.04 -23.83 3.93
N ALA A 86 24.76 -23.11 3.07
CA ALA A 86 25.31 -23.71 1.86
C ALA A 86 26.26 -24.87 2.19
N ALA A 87 27.10 -24.73 3.22
CA ALA A 87 28.04 -25.79 3.58
C ALA A 87 27.34 -27.07 4.06
N SER A 88 26.12 -26.94 4.57
CA SER A 88 25.36 -28.10 5.05
C SER A 88 24.71 -28.90 3.92
N ARG A 89 24.71 -28.37 2.71
CA ARG A 89 24.00 -28.97 1.59
C ARG A 89 24.88 -30.01 0.92
N PRO A 90 24.36 -31.23 0.71
CA PRO A 90 25.17 -32.27 0.07
C PRO A 90 25.66 -31.91 -1.31
N ALA A 91 24.91 -31.13 -2.08
CA ALA A 91 25.35 -30.79 -3.42
C ALA A 91 26.54 -29.82 -3.41
N VAL A 92 26.80 -29.16 -2.28
CA VAL A 92 27.84 -28.13 -2.21
C VAL A 92 29.16 -28.76 -1.84
N MET A 93 30.21 -28.45 -2.61
CA MET A 93 31.56 -28.98 -2.40
C MET A 93 32.48 -28.04 -1.60
N SER A 94 32.23 -26.74 -1.62
CA SER A 94 33.13 -25.80 -0.96
C SER A 94 32.44 -24.45 -0.94
N VAL A 95 32.73 -23.67 0.10
CA VAL A 95 32.22 -22.30 0.23
C VAL A 95 33.40 -21.37 0.49
N LYS A 96 33.52 -20.34 -0.32
CA LYS A 96 34.53 -19.29 -0.11
C LYS A 96 33.77 -18.02 0.26
N ALA A 97 33.84 -17.66 1.53
CA ALA A 97 33.03 -16.62 2.12
C ALA A 97 33.88 -15.38 2.36
N TYR A 98 33.37 -14.23 1.96
CA TYR A 98 34.09 -12.96 2.01
C TYR A 98 33.23 -11.91 2.69
N THR A 99 33.80 -11.17 3.63
CA THR A 99 33.08 -10.06 4.25
C THR A 99 34.07 -9.00 4.70
N ILE A 100 33.59 -7.76 4.77
CA ILE A 100 34.53 -6.66 4.98
C ILE A 100 34.93 -6.55 6.44
N GLY A 101 33.99 -6.84 7.35
CA GLY A 101 34.31 -6.63 8.75
C GLY A 101 34.58 -5.16 9.04
N GLY A 102 35.30 -4.93 10.13
CA GLY A 102 35.58 -3.59 10.59
C GLY A 102 34.49 -3.08 11.50
N LYS A 103 34.68 -1.82 11.90
CA LYS A 103 33.83 -1.19 12.91
C LYS A 103 32.37 -1.19 12.44
N GLY A 104 31.49 -1.72 13.28
CA GLY A 104 30.06 -1.74 12.99
C GLY A 104 29.61 -2.74 11.94
N HIS A 105 30.47 -3.68 11.55
CA HIS A 105 30.13 -4.73 10.61
C HIS A 105 30.38 -6.08 11.26
N GLU A 106 29.51 -7.05 10.97
CA GLU A 106 29.65 -8.39 11.54
C GLU A 106 30.79 -9.15 10.88
N THR A 107 31.51 -9.92 11.68
CA THR A 107 32.52 -10.85 11.20
C THR A 107 32.03 -12.28 11.35
N PRO A 108 32.63 -13.23 10.66
CA PRO A 108 32.13 -14.62 10.70
C PRO A 108 32.11 -15.17 12.12
N LYS A 109 30.98 -15.77 12.48
CA LYS A 109 30.89 -16.55 13.71
C LYS A 109 31.48 -17.93 13.43
N MET A 110 32.45 -18.34 14.26
CA MET A 110 33.24 -19.55 14.04
C MET A 110 32.65 -20.70 14.83
N VAL A 111 32.17 -21.71 14.13
CA VAL A 111 31.20 -22.62 14.73
C VAL A 111 31.32 -23.95 14.00
N THR A 112 30.79 -25.01 14.62
CA THR A 112 30.91 -26.35 14.05
C THR A 112 29.66 -26.79 13.28
N SER A 113 28.83 -25.84 12.84
CA SER A 113 27.67 -26.17 12.02
C SER A 113 28.08 -27.05 10.85
N LEU A 114 27.23 -28.04 10.53
CA LEU A 114 27.58 -29.11 9.60
C LEU A 114 28.24 -28.57 8.33
N GLY A 115 29.37 -29.15 7.98
CA GLY A 115 30.11 -28.78 6.79
C GLY A 115 30.98 -27.55 6.95
N TRP A 116 31.11 -27.02 8.17
CA TRP A 116 31.91 -25.83 8.44
C TRP A 116 33.32 -25.92 7.86
N ASN A 117 33.90 -27.12 7.86
CA ASN A 117 35.27 -27.30 7.42
C ASN A 117 35.42 -27.04 5.94
N LEU A 118 34.31 -27.06 5.21
CA LEU A 118 34.31 -26.74 3.79
C LEU A 118 34.33 -25.24 3.52
N ILE A 119 34.14 -24.41 4.54
CA ILE A 119 34.07 -22.96 4.35
C ILE A 119 35.46 -22.36 4.55
N LYS A 120 35.87 -21.51 3.62
CA LYS A 120 37.04 -20.65 3.76
C LYS A 120 36.50 -19.25 4.02
N PHE A 121 36.55 -18.82 5.28
CA PHE A 121 36.13 -17.49 5.68
C PHE A 121 37.26 -16.49 5.47
N ARG A 122 36.90 -15.28 5.04
CA ARG A 122 37.94 -14.27 4.79
C ARG A 122 37.32 -12.90 5.04
N ALA A 123 37.69 -12.32 6.19
CA ALA A 123 37.31 -10.97 6.56
C ALA A 123 38.35 -9.96 6.11
N GLY A 124 37.98 -8.68 6.17
CA GLY A 124 38.85 -7.65 5.63
C GLY A 124 38.88 -7.58 4.11
N MET A 125 37.92 -8.22 3.44
CA MET A 125 37.89 -8.24 1.98
C MET A 125 36.74 -7.38 1.47
N ASP A 126 37.06 -6.49 0.54
CA ASP A 126 36.06 -5.67 -0.16
C ASP A 126 35.70 -6.40 -1.44
N VAL A 127 34.51 -7.02 -1.47
CA VAL A 127 34.13 -7.77 -2.67
C VAL A 127 33.91 -6.86 -3.88
N PHE A 128 33.69 -5.56 -3.69
CA PHE A 128 33.48 -4.68 -4.83
C PHE A 128 34.76 -4.41 -5.61
N SER A 129 35.92 -4.55 -4.97
CA SER A 129 37.19 -4.42 -5.68
C SER A 129 37.89 -5.76 -5.91
N MET A 130 37.37 -6.85 -5.37
CA MET A 130 38.04 -8.14 -5.52
C MET A 130 37.83 -8.69 -6.95
N GLN A 131 38.83 -9.42 -7.41
CA GLN A 131 38.73 -10.08 -8.71
C GLN A 131 37.80 -11.29 -8.57
N PRO A 132 36.83 -11.47 -9.47
CA PRO A 132 36.01 -12.68 -9.41
C PRO A 132 36.82 -13.91 -9.79
N HIS A 133 36.48 -15.03 -9.18
CA HIS A 133 37.09 -16.30 -9.52
C HIS A 133 36.01 -17.31 -9.84
N ARG A 134 36.45 -18.54 -10.09
CA ARG A 134 35.54 -19.61 -10.48
C ARG A 134 34.48 -19.82 -9.41
N ALA A 135 33.24 -20.03 -9.86
CA ALA A 135 32.15 -20.33 -8.96
C ALA A 135 31.08 -21.07 -9.74
N ASP A 136 30.44 -22.04 -9.09
CA ASP A 136 29.22 -22.64 -9.62
C ASP A 136 27.97 -21.92 -9.12
N THR A 137 28.01 -21.49 -7.86
CA THR A 137 26.92 -20.80 -7.18
C THR A 137 27.45 -19.47 -6.67
N ILE A 138 26.80 -18.36 -7.03
CA ILE A 138 27.17 -17.03 -6.56
C ILE A 138 26.07 -16.49 -5.65
N MET A 139 26.40 -16.30 -4.37
CA MET A 139 25.49 -15.73 -3.40
C MET A 139 25.99 -14.36 -2.97
N CYS A 140 25.07 -13.43 -2.78
CA CYS A 140 25.45 -12.12 -2.24
C CYS A 140 24.27 -11.55 -1.48
N ASP A 141 24.45 -11.33 -0.18
CA ASP A 141 23.39 -10.82 0.68
C ASP A 141 23.70 -9.40 1.16
N ILE A 142 24.34 -8.61 0.31
CA ILE A 142 24.78 -7.27 0.68
C ILE A 142 23.66 -6.26 0.46
N GLY A 143 23.41 -5.43 1.46
CA GLY A 143 22.54 -4.30 1.29
C GLY A 143 22.10 -3.76 2.63
N GLU A 144 22.75 -2.69 3.07
CA GLU A 144 22.47 -2.13 4.38
C GLU A 144 21.37 -1.09 4.27
N SER A 145 20.31 -1.26 5.05
CA SER A 145 19.20 -0.31 5.04
C SER A 145 19.66 1.07 5.52
N ASN A 146 18.95 2.08 5.06
CA ASN A 146 19.29 3.47 5.30
C ASN A 146 18.05 4.30 5.05
N PRO A 147 17.73 5.28 5.90
CA PRO A 147 16.52 6.10 5.70
C PRO A 147 16.46 6.79 4.36
N ASP A 148 17.61 7.06 3.74
CA ASP A 148 17.69 7.75 2.46
C ASP A 148 17.65 6.73 1.32
N ALA A 149 16.61 6.81 0.49
CA ALA A 149 16.37 5.81 -0.55
C ALA A 149 17.37 5.93 -1.70
N VAL A 150 17.90 7.13 -1.93
CA VAL A 150 18.96 7.30 -2.93
C VAL A 150 20.18 6.48 -2.53
N VAL A 151 20.53 6.50 -1.25
CA VAL A 151 21.65 5.71 -0.77
C VAL A 151 21.36 4.23 -0.92
N GLU A 152 20.15 3.81 -0.54
CA GLU A 152 19.75 2.41 -0.75
C GLU A 152 19.88 2.02 -2.23
N GLY A 153 19.49 2.91 -3.13
CA GLY A 153 19.58 2.62 -4.55
C GLY A 153 21.01 2.47 -5.02
N GLU A 154 21.90 3.33 -4.53
CA GLU A 154 23.30 3.25 -4.91
C GLU A 154 23.94 1.96 -4.40
N ARG A 155 23.65 1.57 -3.16
CA ARG A 155 24.18 0.32 -2.61
C ARG A 155 23.69 -0.87 -3.41
N THR A 156 22.42 -0.84 -3.81
CA THR A 156 21.84 -1.92 -4.58
C THR A 156 22.47 -1.98 -5.95
N ARG A 157 22.73 -0.83 -6.55
CA ARG A 157 23.34 -0.83 -7.86
C ARG A 157 24.75 -1.41 -7.83
N LYS A 158 25.49 -1.20 -6.73
CA LYS A 158 26.82 -1.76 -6.60
C LYS A 158 26.77 -3.28 -6.51
N VAL A 159 25.74 -3.82 -5.85
CA VAL A 159 25.56 -5.27 -5.77
C VAL A 159 25.28 -5.84 -7.14
N ILE A 160 24.39 -5.21 -7.90
CA ILE A 160 24.05 -5.74 -9.21
C ILE A 160 25.26 -5.69 -10.13
N LEU A 161 26.05 -4.63 -10.03
CA LEU A 161 27.28 -4.58 -10.81
C LEU A 161 28.27 -5.66 -10.34
N LEU A 162 28.31 -5.92 -9.02
CA LEU A 162 29.10 -7.02 -8.49
C LEU A 162 28.70 -8.35 -9.14
N MET A 163 27.39 -8.62 -9.16
CA MET A 163 26.89 -9.84 -9.78
C MET A 163 27.16 -9.90 -11.28
N GLU A 164 27.16 -8.75 -11.97
CA GLU A 164 27.48 -8.77 -13.39
C GLU A 164 28.92 -9.22 -13.63
N GLN A 165 29.84 -8.77 -12.78
CA GLN A 165 31.25 -9.15 -12.92
C GLN A 165 31.46 -10.62 -12.61
N TRP A 166 30.85 -11.10 -11.53
CA TRP A 166 30.98 -12.52 -11.19
C TRP A 166 30.31 -13.40 -12.25
N LYS A 167 29.20 -12.94 -12.83
CA LYS A 167 28.56 -13.76 -13.87
C LYS A 167 29.33 -13.70 -15.17
N ASN A 168 29.97 -12.57 -15.48
CA ASN A 168 30.85 -12.50 -16.64
C ASN A 168 32.02 -13.46 -16.51
N ARG A 169 32.52 -13.65 -15.28
CA ARG A 169 33.54 -14.65 -15.03
C ARG A 169 32.97 -16.07 -15.10
N ASN A 170 31.73 -16.25 -14.64
CA ASN A 170 31.08 -17.56 -14.57
C ASN A 170 29.71 -17.47 -15.22
N PRO A 171 29.64 -17.51 -16.56
CA PRO A 171 28.35 -17.26 -17.23
C PRO A 171 27.30 -18.32 -16.97
N THR A 172 27.71 -19.57 -16.79
CA THR A 172 26.75 -20.64 -16.52
C THR A 172 26.44 -20.80 -15.03
N ALA A 173 27.02 -19.95 -14.18
CA ALA A 173 26.75 -20.07 -12.76
C ALA A 173 25.34 -19.61 -12.44
N THR A 174 24.73 -20.26 -11.46
CA THR A 174 23.50 -19.78 -10.86
C THR A 174 23.82 -18.68 -9.87
N CYS A 175 22.85 -17.85 -9.57
CA CYS A 175 23.12 -16.83 -8.58
C CYS A 175 21.85 -16.42 -7.86
N VAL A 176 22.04 -15.99 -6.62
CA VAL A 176 20.98 -15.49 -5.77
C VAL A 176 21.55 -14.29 -5.01
N PHE A 177 20.92 -13.14 -5.14
CA PHE A 177 21.45 -11.98 -4.44
C PHE A 177 20.34 -11.10 -3.91
N LYS A 178 20.68 -10.41 -2.83
CA LYS A 178 19.79 -9.43 -2.24
C LYS A 178 19.74 -8.18 -3.09
N VAL A 179 18.53 -7.67 -3.28
CA VAL A 179 18.27 -6.39 -3.95
C VAL A 179 17.58 -5.50 -2.92
N LEU A 180 18.36 -4.65 -2.25
CA LEU A 180 17.84 -3.92 -1.10
C LEU A 180 16.69 -2.99 -1.47
N ALA A 181 16.84 -2.23 -2.56
CA ALA A 181 15.90 -1.16 -2.92
C ALA A 181 15.46 -1.37 -4.36
N PRO A 182 14.67 -2.41 -4.61
CA PRO A 182 14.30 -2.72 -6.00
C PRO A 182 13.39 -1.71 -6.63
N TYR A 183 12.79 -0.81 -5.85
CA TYR A 183 11.84 0.18 -6.38
C TYR A 183 12.54 1.40 -6.99
N ARG A 184 13.83 1.47 -6.92
CA ARG A 184 14.47 2.66 -7.46
C ARG A 184 14.67 2.52 -8.97
N PRO A 185 14.54 3.62 -9.72
CA PRO A 185 14.66 3.51 -11.19
C PRO A 185 16.02 3.08 -11.68
N GLU A 186 17.10 3.52 -11.04
CA GLU A 186 18.41 3.04 -11.47
C GLU A 186 18.54 1.54 -11.18
N VAL A 187 17.88 1.05 -10.13
CA VAL A 187 17.94 -0.37 -9.80
C VAL A 187 17.09 -1.17 -10.76
N ILE A 188 15.86 -0.70 -11.05
CA ILE A 188 15.03 -1.38 -12.04
C ILE A 188 15.77 -1.53 -13.35
N GLU A 189 16.46 -0.46 -13.77
CA GLU A 189 17.19 -0.50 -15.02
C GLU A 189 18.30 -1.53 -14.99
N ALA A 190 19.01 -1.61 -13.87
CA ALA A 190 20.13 -2.54 -13.79
C ALA A 190 19.65 -3.98 -13.74
N LEU A 191 18.53 -4.23 -13.07
CA LEU A 191 17.95 -5.58 -13.04
C LEU A 191 17.44 -5.98 -14.41
N HIS A 192 16.76 -5.06 -15.11
CA HIS A 192 16.31 -5.30 -16.47
C HIS A 192 17.48 -5.72 -17.38
N ARG A 193 18.57 -4.94 -17.32
CA ARG A 193 19.75 -5.32 -18.10
C ARG A 193 20.26 -6.69 -17.68
N PHE A 194 20.30 -6.96 -16.38
CA PHE A 194 20.76 -8.24 -15.89
C PHE A 194 19.85 -9.35 -16.38
N GLN A 195 18.54 -9.11 -16.36
CA GLN A 195 17.60 -10.16 -16.74
C GLN A 195 17.69 -10.47 -18.23
N LEU A 196 17.98 -9.48 -19.06
CA LEU A 196 18.08 -9.71 -20.50
C LEU A 196 19.24 -10.64 -20.84
N GLN A 197 20.31 -10.57 -20.07
CA GLN A 197 21.53 -11.33 -20.34
C GLN A 197 21.55 -12.68 -19.61
N TRP A 198 21.10 -12.71 -18.36
CA TRP A 198 21.27 -13.87 -17.50
C TRP A 198 19.96 -14.55 -17.11
N GLY A 199 18.80 -13.98 -17.46
CA GLY A 199 17.54 -14.50 -17.02
C GLY A 199 17.27 -14.15 -15.56
N GLY A 200 16.40 -14.92 -14.94
CA GLY A 200 16.07 -14.74 -13.54
C GLY A 200 14.90 -13.83 -13.27
N GLY A 201 14.66 -13.61 -11.98
CA GLY A 201 13.65 -12.69 -11.53
C GLY A 201 13.72 -12.49 -10.03
N LEU A 202 12.75 -11.74 -9.51
CA LEU A 202 12.75 -11.32 -8.12
C LEU A 202 11.65 -12.01 -7.33
N VAL A 203 11.93 -12.26 -6.05
CA VAL A 203 10.95 -12.85 -5.14
C VAL A 203 11.14 -12.23 -3.78
N ARG A 204 10.07 -12.25 -2.98
CA ARG A 204 10.06 -11.68 -1.65
C ARG A 204 10.04 -12.80 -0.62
N THR A 205 10.94 -12.70 0.35
CA THR A 205 11.05 -13.63 1.46
C THR A 205 10.05 -13.28 2.55
N PRO A 206 9.33 -14.26 3.12
CA PRO A 206 8.42 -13.94 4.23
C PRO A 206 9.14 -13.59 5.53
N PHE A 207 10.42 -13.90 5.65
CA PHE A 207 11.15 -13.48 6.82
C PHE A 207 11.59 -12.01 6.80
N SER A 208 11.57 -11.36 5.62
CA SER A 208 11.93 -9.94 5.56
C SER A 208 10.93 -9.09 6.31
N ARG A 209 11.43 -8.19 7.15
CA ARG A 209 10.58 -7.26 7.89
C ARG A 209 9.91 -6.25 6.96
N ASN A 210 8.75 -5.74 7.39
CA ASN A 210 8.09 -4.72 6.60
C ASN A 210 8.92 -3.44 6.52
N SER A 211 9.92 -3.30 7.39
CA SER A 211 10.82 -2.15 7.39
C SER A 211 11.84 -2.19 6.26
N THR A 212 11.86 -3.24 5.45
CA THR A 212 12.78 -3.26 4.33
C THR A 212 12.04 -3.72 3.08
N HIS A 213 12.38 -3.11 1.95
CA HIS A 213 11.82 -3.50 0.66
C HIS A 213 12.63 -4.61 -0.02
N GLU A 214 13.52 -5.28 0.72
CA GLU A 214 14.48 -6.18 0.09
C GLU A 214 13.74 -7.27 -0.68
N MET A 215 14.19 -7.53 -1.89
CA MET A 215 13.75 -8.71 -2.63
C MET A 215 15.00 -9.43 -3.12
N TYR A 216 14.85 -10.72 -3.40
CA TYR A 216 15.98 -11.54 -3.80
C TYR A 216 15.85 -11.88 -5.27
N TYR A 217 16.91 -11.60 -6.02
CA TYR A 217 17.01 -11.96 -7.42
C TYR A 217 17.67 -13.33 -7.52
N SER A 218 17.10 -14.20 -8.34
CA SER A 218 17.67 -15.52 -8.56
C SER A 218 17.55 -15.91 -10.02
N THR A 219 18.56 -16.58 -10.55
CA THR A 219 18.45 -17.03 -11.92
C THR A 219 17.53 -18.23 -12.10
N ALA A 220 16.98 -18.76 -11.01
CA ALA A 220 16.12 -19.94 -11.02
C ALA A 220 14.66 -19.58 -11.18
N VAL A 221 14.35 -18.30 -11.27
CA VAL A 221 12.97 -17.85 -11.22
C VAL A 221 12.74 -16.95 -12.42
N THR A 222 11.47 -16.59 -12.64
CA THR A 222 11.07 -15.83 -13.81
C THR A 222 10.21 -14.66 -13.35
N GLY A 223 9.84 -13.80 -14.29
CA GLY A 223 8.86 -12.79 -13.96
C GLY A 223 9.21 -11.37 -14.32
N ASN A 224 8.18 -10.62 -14.71
CA ASN A 224 8.28 -9.20 -14.97
C ASN A 224 8.77 -8.46 -13.73
N ILE A 225 9.90 -7.78 -13.84
CA ILE A 225 10.51 -7.17 -12.67
C ILE A 225 9.62 -6.05 -12.13
N VAL A 226 9.18 -5.15 -13.01
CA VAL A 226 8.40 -4.01 -12.57
C VAL A 226 7.14 -4.46 -11.83
N ASN A 227 6.44 -5.47 -12.37
CA ASN A 227 5.25 -5.98 -11.72
C ASN A 227 5.56 -6.56 -10.34
N SER A 228 6.59 -7.42 -10.27
CA SER A 228 7.01 -7.98 -8.98
C SER A 228 7.22 -6.90 -7.94
N VAL A 229 7.93 -5.83 -8.31
CA VAL A 229 8.27 -4.82 -7.32
C VAL A 229 7.01 -4.08 -6.88
N ASN A 230 6.16 -3.69 -7.83
CA ASN A 230 4.92 -2.98 -7.48
C ASN A 230 4.04 -3.83 -6.58
N ILE A 231 3.88 -5.11 -6.90
CA ILE A 231 3.11 -6.02 -6.03
C ILE A 231 3.62 -5.94 -4.60
N GLN A 232 4.95 -6.01 -4.41
CA GLN A 232 5.50 -5.94 -3.07
C GLN A 232 5.26 -4.57 -2.45
N SER A 233 5.51 -3.50 -3.21
CA SER A 233 5.30 -2.13 -2.71
C SER A 233 3.87 -1.96 -2.19
N ARG A 234 2.89 -2.43 -2.96
CA ARG A 234 1.51 -2.30 -2.54
C ARG A 234 1.24 -3.07 -1.25
N LYS A 235 1.76 -4.31 -1.15
CA LYS A 235 1.61 -5.08 0.07
C LYS A 235 2.24 -4.36 1.26
N LEU A 236 3.46 -3.86 1.12
CA LEU A 236 4.08 -3.12 2.21
C LEU A 236 3.30 -1.86 2.55
N LEU A 237 2.79 -1.17 1.54
CA LEU A 237 1.98 0.02 1.80
C LEU A 237 0.70 -0.34 2.54
N ALA A 238 0.09 -1.47 2.19
CA ALA A 238 -1.12 -1.89 2.90
C ALA A 238 -0.83 -2.12 4.38
N ARG A 239 0.31 -2.75 4.70
CA ARG A 239 0.58 -3.25 6.04
C ARG A 239 0.56 -2.16 7.10
N PHE A 240 0.76 -0.90 6.73
CA PHE A 240 0.68 0.19 7.69
C PHE A 240 -0.71 0.24 8.29
N GLY A 241 -0.79 0.54 9.58
CA GLY A 241 -2.05 0.49 10.29
C GLY A 241 -2.51 -0.91 10.71
N ASP A 242 -1.98 -1.96 10.10
CA ASP A 242 -2.21 -3.32 10.56
C ASP A 242 -1.16 -3.68 11.61
N GLN A 243 -1.57 -4.46 12.62
CA GLN A 243 -0.63 -4.81 13.67
C GLN A 243 -1.11 -6.11 14.33
N ARG A 244 -1.03 -7.20 13.58
CA ARG A 244 -1.30 -8.54 14.07
C ARG A 244 -0.06 -9.24 14.61
N GLY A 245 1.12 -8.63 14.49
CA GLY A 245 2.36 -9.21 14.98
C GLY A 245 2.85 -10.34 14.11
N PRO A 246 4.05 -10.85 14.38
CA PRO A 246 4.63 -11.90 13.53
C PRO A 246 4.10 -13.29 13.86
N THR A 247 4.40 -14.23 12.97
CA THR A 247 4.18 -15.65 13.16
C THR A 247 5.52 -16.31 13.47
N ARG A 248 5.67 -16.84 14.68
CA ARG A 248 6.93 -17.44 15.10
C ARG A 248 7.06 -18.90 14.64
N VAL A 249 8.24 -19.24 14.15
CA VAL A 249 8.57 -20.58 13.64
C VAL A 249 9.89 -20.99 14.28
N PRO A 250 10.16 -22.28 14.43
CA PRO A 250 11.49 -22.68 14.95
C PRO A 250 12.65 -22.23 14.06
N GLU A 251 13.77 -21.94 14.71
CA GLU A 251 14.98 -21.63 13.97
C GLU A 251 15.55 -22.90 13.37
N LEU A 252 16.25 -22.75 12.24
CA LEU A 252 16.88 -23.89 11.59
C LEU A 252 18.08 -24.38 12.40
N ASP A 253 18.09 -25.68 12.69
CA ASP A 253 19.26 -26.35 13.28
C ASP A 253 19.83 -27.30 12.24
N LEU A 254 21.00 -26.95 11.71
CA LEU A 254 21.69 -27.73 10.69
C LEU A 254 22.47 -28.91 11.25
N GLY A 255 22.52 -29.07 12.57
CA GLY A 255 23.42 -30.06 13.14
C GLY A 255 24.87 -29.58 13.12
N VAL A 256 25.76 -30.43 13.64
CA VAL A 256 27.18 -30.09 13.74
C VAL A 256 28.01 -31.23 13.15
N GLY A 257 29.27 -30.92 12.86
CA GLY A 257 30.24 -31.90 12.39
C GLY A 257 30.82 -31.54 11.04
N THR A 258 31.75 -32.37 10.60
CA THR A 258 32.51 -32.13 9.39
C THR A 258 31.82 -32.76 8.19
N ARG A 259 32.30 -32.43 6.99
CA ARG A 259 31.80 -33.04 5.77
C ARG A 259 32.97 -33.30 4.84
N GLY A 260 32.80 -34.28 3.95
CA GLY A 260 33.82 -34.59 2.98
C GLY A 260 33.55 -33.94 1.64
N MET B 1 -46.01 7.45 -3.06
CA MET B 1 -44.97 7.61 -4.07
C MET B 1 -44.56 9.07 -4.23
N THR B 2 -43.32 9.30 -4.61
CA THR B 2 -42.73 10.64 -4.62
C THR B 2 -42.32 11.02 -6.04
N LEU B 3 -42.04 12.31 -6.22
CA LEU B 3 -41.48 12.76 -7.50
C LEU B 3 -40.18 12.05 -7.82
N GLY B 4 -39.39 11.73 -6.79
CA GLY B 4 -38.14 11.01 -7.03
C GLY B 4 -38.38 9.63 -7.58
N ASP B 5 -39.38 8.91 -7.04
CA ASP B 5 -39.76 7.62 -7.61
C ASP B 5 -40.13 7.75 -9.08
N LEU B 6 -40.85 8.81 -9.43
CA LEU B 6 -41.17 9.05 -10.83
C LEU B 6 -39.90 9.16 -11.66
N TRP B 7 -38.99 10.05 -11.24
CA TRP B 7 -37.70 10.20 -11.91
C TRP B 7 -37.00 8.85 -12.02
N LYS B 8 -36.96 8.10 -10.92
CA LYS B 8 -36.28 6.81 -10.95
C LYS B 8 -36.92 5.87 -11.97
N ARG B 9 -38.25 5.75 -11.95
CA ARG B 9 -38.90 4.95 -12.98
C ARG B 9 -38.67 5.56 -14.36
N LYS B 10 -38.72 6.89 -14.45
CA LYS B 10 -38.50 7.55 -15.74
C LYS B 10 -37.10 7.31 -16.24
N LEU B 11 -36.11 7.46 -15.35
CA LEU B 11 -34.74 7.12 -15.72
C LEU B 11 -34.61 5.66 -16.14
N ASN B 12 -35.26 4.75 -15.39
CA ASN B 12 -35.16 3.33 -15.72
C ASN B 12 -35.78 2.99 -17.06
N GLY B 13 -36.65 3.85 -17.60
CA GLY B 13 -37.23 3.59 -18.90
C GLY B 13 -36.33 3.92 -20.08
N CYS B 14 -35.33 4.78 -19.87
CA CYS B 14 -34.40 5.15 -20.93
C CYS B 14 -33.73 3.90 -21.51
N THR B 15 -33.33 3.98 -22.78
CA THR B 15 -32.57 2.90 -23.37
C THR B 15 -31.08 3.16 -23.18
N LYS B 16 -30.38 3.42 -24.28
CA LYS B 16 -28.97 3.79 -24.24
C LYS B 16 -28.82 5.27 -24.52
N GLU B 17 -29.09 5.72 -25.76
CA GLU B 17 -28.75 7.08 -26.17
C GLU B 17 -29.41 8.12 -25.27
N GLU B 18 -30.67 7.88 -24.86
CA GLU B 18 -31.32 8.83 -23.97
C GLU B 18 -30.69 8.84 -22.58
N PHE B 19 -30.12 7.71 -22.15
CA PHE B 19 -29.51 7.67 -20.82
C PHE B 19 -28.18 8.40 -20.81
N PHE B 20 -27.33 8.15 -21.81
CA PHE B 20 -26.02 8.79 -21.86
C PHE B 20 -26.14 10.28 -22.12
N ALA B 21 -27.18 10.71 -22.84
CA ALA B 21 -27.39 12.14 -23.06
C ALA B 21 -28.11 12.81 -21.90
N TYR B 22 -28.79 12.03 -21.04
CA TYR B 22 -29.48 12.63 -19.91
C TYR B 22 -28.54 12.87 -18.74
N ARG B 23 -27.68 11.88 -18.44
CA ARG B 23 -26.97 11.88 -17.17
C ARG B 23 -25.98 13.02 -17.03
N ARG B 24 -25.55 13.63 -18.14
CA ARG B 24 -24.48 14.62 -18.07
C ARG B 24 -24.86 15.98 -18.62
N THR B 25 -26.11 16.19 -19.02
CA THR B 25 -26.52 17.51 -19.52
C THR B 25 -26.63 18.50 -18.37
N GLY B 26 -25.97 19.65 -18.51
CA GLY B 26 -26.10 20.73 -17.57
C GLY B 26 -25.34 20.56 -16.28
N ILE B 27 -24.62 19.47 -16.10
CA ILE B 27 -23.84 19.25 -14.89
C ILE B 27 -22.45 19.84 -15.09
N LEU B 28 -21.76 20.09 -13.98
CA LEU B 28 -20.33 20.39 -14.02
C LEU B 28 -19.54 19.09 -14.06
N GLU B 29 -18.39 19.14 -14.71
CA GLU B 29 -17.58 17.94 -14.92
C GLU B 29 -16.12 18.36 -15.00
N THR B 30 -15.28 17.77 -14.15
CA THR B 30 -13.86 18.05 -14.22
C THR B 30 -13.22 17.25 -15.35
N GLU B 31 -12.36 17.90 -16.10
CA GLU B 31 -11.73 17.31 -17.27
C GLU B 31 -10.51 16.51 -16.79
N ARG B 32 -10.58 15.19 -16.92
CA ARG B 32 -9.68 14.28 -16.21
C ARG B 32 -8.74 13.49 -17.13
N ASP B 33 -8.56 13.90 -18.38
CA ASP B 33 -7.70 13.13 -19.27
C ASP B 33 -6.25 13.12 -18.78
N LYS B 34 -5.77 14.23 -18.22
CA LYS B 34 -4.40 14.25 -17.72
C LYS B 34 -4.31 13.47 -16.40
N ALA B 35 -5.26 13.71 -15.48
CA ALA B 35 -5.26 12.99 -14.21
C ALA B 35 -5.38 11.49 -14.43
N ARG B 36 -6.29 11.07 -15.32
CA ARG B 36 -6.42 9.65 -15.59
C ARG B 36 -5.27 9.12 -16.42
N GLU B 37 -4.61 9.99 -17.20
CA GLU B 37 -3.37 9.62 -17.86
C GLU B 37 -2.31 9.23 -16.84
N LEU B 38 -2.26 9.95 -15.72
CA LEU B 38 -1.25 9.66 -14.71
C LEU B 38 -1.61 8.43 -13.89
N LEU B 39 -2.90 8.15 -13.72
CA LEU B 39 -3.34 6.88 -13.15
C LEU B 39 -3.34 5.77 -14.18
N ARG B 40 -3.39 6.10 -15.48
CA ARG B 40 -3.17 5.11 -16.52
C ARG B 40 -1.92 4.30 -16.23
N ARG B 41 -0.85 4.98 -15.82
CA ARG B 41 0.39 4.40 -15.38
C ARG B 41 0.43 4.43 -13.84
N GLY B 42 1.63 4.38 -13.27
CA GLY B 42 1.73 4.31 -11.82
C GLY B 42 2.45 5.49 -11.22
N GLU B 43 2.31 6.66 -11.83
CA GLU B 43 2.97 7.83 -11.26
C GLU B 43 2.36 8.16 -9.92
N THR B 44 3.20 8.17 -8.89
CA THR B 44 2.77 8.48 -7.53
C THR B 44 3.04 9.92 -7.13
N ASN B 45 3.89 10.64 -7.85
CA ASN B 45 4.08 12.06 -7.58
C ASN B 45 2.99 12.81 -8.32
N MET B 46 1.84 12.91 -7.67
CA MET B 46 0.64 13.49 -8.27
C MET B 46 -0.13 14.27 -7.22
N GLY B 47 -0.66 15.42 -7.64
CA GLY B 47 -1.54 16.21 -6.80
C GLY B 47 -2.93 16.35 -7.40
N LEU B 48 -3.08 15.95 -8.65
CA LEU B 48 -4.37 15.99 -9.30
C LEU B 48 -5.32 14.98 -8.64
N ALA B 49 -6.62 15.25 -8.77
CA ALA B 49 -7.62 14.43 -8.07
C ALA B 49 -7.54 12.97 -8.50
N VAL B 50 -7.44 12.08 -7.51
CA VAL B 50 -7.41 10.65 -7.80
C VAL B 50 -8.78 10.11 -8.21
N SER B 51 -9.83 10.90 -8.07
CA SER B 51 -11.19 10.47 -8.38
C SER B 51 -12.01 11.72 -8.68
N ARG B 52 -13.29 11.51 -9.02
CA ARG B 52 -14.21 12.63 -9.16
C ARG B 52 -14.84 13.06 -7.84
N GLY B 53 -14.63 12.31 -6.76
CA GLY B 53 -15.11 12.76 -5.46
C GLY B 53 -14.46 14.03 -4.96
N THR B 54 -13.17 14.24 -5.28
CA THR B 54 -12.45 15.39 -4.74
C THR B 54 -13.16 16.71 -5.04
N ALA B 55 -13.58 16.92 -6.29
CA ALA B 55 -14.24 18.18 -6.65
C ALA B 55 -15.53 18.39 -5.88
N LYS B 56 -16.25 17.30 -5.56
CA LYS B 56 -17.51 17.43 -4.85
C LYS B 56 -17.30 17.88 -3.42
N LEU B 57 -16.30 17.30 -2.74
CA LEU B 57 -16.00 17.75 -1.38
C LEU B 57 -15.53 19.19 -1.38
N ALA B 58 -14.73 19.57 -2.38
CA ALA B 58 -14.23 20.93 -2.45
C ALA B 58 -15.37 21.91 -2.71
N TRP B 59 -16.23 21.60 -3.66
CA TRP B 59 -17.42 22.42 -3.88
C TRP B 59 -18.16 22.63 -2.56
N LEU B 60 -18.37 21.55 -1.81
CA LEU B 60 -19.04 21.67 -0.52
C LEU B 60 -18.29 22.59 0.43
N GLU B 61 -17.00 22.33 0.67
CA GLU B 61 -16.30 23.10 1.70
C GLU B 61 -16.18 24.56 1.30
N GLU B 62 -15.95 24.84 0.02
CA GLU B 62 -15.75 26.22 -0.40
C GLU B 62 -17.05 27.02 -0.34
N ARG B 63 -18.20 26.36 -0.47
CA ARG B 63 -19.45 27.06 -0.24
C ARG B 63 -19.73 27.25 1.26
N GLY B 64 -18.97 26.60 2.12
CA GLY B 64 -19.29 26.60 3.54
C GLY B 64 -20.31 25.57 3.93
N TYR B 65 -20.56 24.58 3.08
CA TYR B 65 -21.54 23.54 3.35
C TYR B 65 -20.95 22.34 4.07
N ALA B 66 -19.64 22.33 4.33
CA ALA B 66 -19.03 21.23 5.04
C ALA B 66 -17.82 21.77 5.77
N THR B 67 -17.65 21.37 7.03
CA THR B 67 -16.49 21.77 7.83
C THR B 67 -15.53 20.60 7.92
N LEU B 68 -14.24 20.89 7.72
CA LEU B 68 -13.19 19.87 7.73
C LEU B 68 -12.11 20.32 8.70
N LYS B 69 -12.01 19.67 9.86
CA LYS B 69 -11.04 20.14 10.83
C LYS B 69 -10.66 19.01 11.77
N GLY B 70 -9.47 19.15 12.36
CA GLY B 70 -9.05 18.24 13.41
C GLY B 70 -8.84 16.82 12.90
N GLU B 71 -9.30 15.87 13.69
CA GLU B 71 -9.17 14.46 13.36
C GLU B 71 -10.35 14.06 12.47
N VAL B 72 -10.07 13.77 11.20
CA VAL B 72 -11.08 13.44 10.23
C VAL B 72 -11.16 11.92 10.10
N VAL B 73 -12.36 11.41 9.85
CA VAL B 73 -12.55 10.03 9.44
C VAL B 73 -13.25 10.03 8.09
N ASP B 74 -12.74 9.24 7.15
CA ASP B 74 -13.31 9.05 5.83
C ASP B 74 -13.89 7.63 5.81
N LEU B 75 -15.22 7.54 5.85
CA LEU B 75 -15.92 6.25 5.92
C LEU B 75 -16.34 5.83 4.51
N GLY B 76 -15.63 4.86 3.93
CA GLY B 76 -15.85 4.43 2.56
C GLY B 76 -15.06 5.29 1.60
N CYS B 77 -13.73 5.32 1.80
CA CYS B 77 -12.89 6.27 1.09
C CYS B 77 -12.65 5.89 -0.37
N GLY B 78 -12.83 4.61 -0.73
CA GLY B 78 -12.48 4.19 -2.08
C GLY B 78 -11.04 4.57 -2.41
N ARG B 79 -10.86 5.17 -3.59
CA ARG B 79 -9.52 5.63 -3.99
C ARG B 79 -8.95 6.69 -3.05
N GLY B 80 -9.80 7.40 -2.32
CA GLY B 80 -9.36 8.38 -1.34
C GLY B 80 -9.49 9.84 -1.73
N GLY B 81 -10.26 10.16 -2.77
CA GLY B 81 -10.38 11.55 -3.22
C GLY B 81 -10.83 12.53 -2.15
N TRP B 82 -11.69 12.07 -1.23
CA TRP B 82 -12.08 12.90 -0.09
C TRP B 82 -10.98 12.94 0.98
N SER B 83 -10.32 11.80 1.20
CA SER B 83 -9.22 11.74 2.15
C SER B 83 -8.09 12.68 1.74
N TYR B 84 -7.72 12.67 0.45
CA TYR B 84 -6.66 13.56 -0.01
C TYR B 84 -7.10 15.01 0.06
N TYR B 85 -8.40 15.28 -0.15
CA TYR B 85 -8.86 16.65 -0.05
C TYR B 85 -8.76 17.15 1.38
N ALA B 86 -9.24 16.36 2.34
CA ALA B 86 -9.15 16.78 3.73
C ALA B 86 -7.71 16.89 4.20
N ALA B 87 -6.87 15.90 3.85
CA ALA B 87 -5.46 15.93 4.28
C ALA B 87 -4.72 17.16 3.77
N SER B 88 -5.23 17.80 2.71
CA SER B 88 -4.66 19.00 2.12
C SER B 88 -5.05 20.26 2.87
N ARG B 89 -6.06 20.21 3.73
CA ARG B 89 -6.59 21.39 4.41
C ARG B 89 -5.78 21.68 5.66
N PRO B 90 -5.32 22.93 5.83
CA PRO B 90 -4.51 23.26 7.02
C PRO B 90 -5.18 22.97 8.34
N ALA B 91 -6.51 23.10 8.43
CA ALA B 91 -7.21 22.85 9.68
C ALA B 91 -7.28 21.36 10.04
N VAL B 92 -6.94 20.47 9.12
CA VAL B 92 -7.03 19.03 9.38
C VAL B 92 -5.68 18.54 9.91
N MET B 93 -5.72 17.77 11.00
CA MET B 93 -4.53 17.22 11.65
C MET B 93 -4.25 15.76 11.29
N SER B 94 -5.25 15.02 10.82
CA SER B 94 -5.09 13.59 10.53
C SER B 94 -6.34 13.09 9.84
N VAL B 95 -6.17 12.04 9.03
CA VAL B 95 -7.27 11.41 8.28
C VAL B 95 -7.18 9.90 8.46
N LYS B 96 -8.20 9.30 9.08
CA LYS B 96 -8.34 7.84 9.13
C LYS B 96 -9.37 7.44 8.07
N ALA B 97 -8.90 6.82 6.99
CA ALA B 97 -9.75 6.44 5.87
C ALA B 97 -9.94 4.93 5.88
N TYR B 98 -11.19 4.51 5.71
CA TYR B 98 -11.58 3.11 5.75
C TYR B 98 -12.35 2.78 4.49
N THR B 99 -11.99 1.66 3.86
CA THR B 99 -12.75 1.21 2.69
C THR B 99 -12.71 -0.31 2.61
N ILE B 100 -13.79 -0.89 2.07
CA ILE B 100 -13.93 -2.34 2.14
C ILE B 100 -12.97 -3.02 1.17
N GLY B 101 -12.78 -2.45 -0.01
CA GLY B 101 -11.98 -3.15 -1.00
C GLY B 101 -12.70 -4.39 -1.53
N GLY B 102 -11.90 -5.31 -2.07
CA GLY B 102 -12.44 -6.54 -2.62
C GLY B 102 -12.90 -6.35 -4.05
N LYS B 103 -13.46 -7.43 -4.60
CA LYS B 103 -13.77 -7.48 -6.02
C LYS B 103 -14.78 -6.40 -6.41
N GLY B 104 -14.47 -5.68 -7.48
CA GLY B 104 -15.31 -4.62 -7.99
C GLY B 104 -15.35 -3.36 -7.15
N HIS B 105 -14.58 -3.29 -6.08
CA HIS B 105 -14.55 -2.12 -5.20
C HIS B 105 -13.18 -1.45 -5.29
N GLU B 106 -13.16 -0.13 -5.43
CA GLU B 106 -11.93 0.63 -5.52
C GLU B 106 -11.16 0.60 -4.20
N THR B 107 -9.84 0.52 -4.31
CA THR B 107 -8.90 0.56 -3.22
C THR B 107 -8.13 1.90 -3.26
N PRO B 108 -7.50 2.32 -2.17
CA PRO B 108 -6.81 3.62 -2.20
C PRO B 108 -5.71 3.65 -3.25
N LYS B 109 -5.76 4.67 -4.10
CA LYS B 109 -4.62 5.02 -4.95
C LYS B 109 -3.65 5.84 -4.11
N MET B 110 -2.39 5.40 -4.05
CA MET B 110 -1.39 5.91 -3.11
C MET B 110 -0.46 6.91 -3.81
N VAL B 111 -0.39 8.12 -3.25
CA VAL B 111 0.06 9.27 -4.01
C VAL B 111 0.55 10.32 -3.03
N THR B 112 1.35 11.27 -3.52
CA THR B 112 1.97 12.25 -2.66
C THR B 112 1.19 13.56 -2.60
N SER B 113 -0.10 13.54 -2.92
CA SER B 113 -0.95 14.71 -2.75
C SER B 113 -0.72 15.32 -1.38
N LEU B 114 -0.72 16.66 -1.32
CA LEU B 114 -0.33 17.38 -0.11
C LEU B 114 -1.05 16.84 1.12
N GLY B 115 -0.27 16.54 2.15
CA GLY B 115 -0.82 16.03 3.38
C GLY B 115 -1.06 14.53 3.42
N TRP B 116 -0.79 13.82 2.32
CA TRP B 116 -0.88 12.36 2.24
C TRP B 116 -0.32 11.62 3.46
N ASN B 117 0.75 12.15 4.06
CA ASN B 117 1.40 11.52 5.20
C ASN B 117 0.53 11.54 6.44
N LEU B 118 -0.48 12.40 6.47
CA LEU B 118 -1.42 12.44 7.57
C LEU B 118 -2.56 11.44 7.41
N ILE B 119 -2.63 10.73 6.28
CA ILE B 119 -3.69 9.74 6.08
C ILE B 119 -3.20 8.39 6.56
N LYS B 120 -4.01 7.72 7.37
CA LYS B 120 -3.86 6.30 7.68
C LYS B 120 -4.94 5.55 6.91
N PHE B 121 -4.53 4.80 5.89
CA PHE B 121 -5.44 4.08 5.03
C PHE B 121 -5.67 2.67 5.57
N ARG B 122 -6.92 2.22 5.53
CA ARG B 122 -7.27 0.88 6.04
C ARG B 122 -8.28 0.27 5.07
N ALA B 123 -7.80 -0.58 4.18
CA ALA B 123 -8.65 -1.32 3.27
C ALA B 123 -9.04 -2.66 3.91
N GLY B 124 -10.02 -3.33 3.32
CA GLY B 124 -10.52 -4.52 3.97
C GLY B 124 -11.31 -4.27 5.24
N MET B 125 -11.77 -3.03 5.47
CA MET B 125 -12.57 -2.68 6.63
C MET B 125 -14.01 -2.43 6.21
N ASP B 126 -14.95 -3.10 6.89
CA ASP B 126 -16.37 -2.82 6.75
C ASP B 126 -16.79 -1.80 7.80
N VAL B 127 -17.11 -0.58 7.37
CA VAL B 127 -17.41 0.47 8.35
C VAL B 127 -18.75 0.26 9.05
N PHE B 128 -19.61 -0.62 8.52
CA PHE B 128 -20.91 -0.83 9.17
C PHE B 128 -20.81 -1.74 10.39
N SER B 129 -19.78 -2.56 10.48
CA SER B 129 -19.56 -3.42 11.62
C SER B 129 -18.34 -3.02 12.46
N MET B 130 -17.71 -1.89 12.12
CA MET B 130 -16.58 -1.36 12.89
C MET B 130 -17.06 -0.44 14.01
N GLN B 131 -16.42 -0.55 15.16
CA GLN B 131 -16.77 0.32 16.28
C GLN B 131 -16.35 1.76 16.02
N PRO B 132 -17.16 2.74 16.37
CA PRO B 132 -16.76 4.13 16.23
C PRO B 132 -15.63 4.49 17.19
N HIS B 133 -14.80 5.46 16.78
CA HIS B 133 -13.78 6.01 17.64
C HIS B 133 -13.86 7.53 17.58
N ARG B 134 -12.96 8.17 18.32
CA ARG B 134 -12.97 9.62 18.38
C ARG B 134 -12.77 10.22 17.00
N ALA B 135 -13.43 11.35 16.77
CA ALA B 135 -13.36 12.08 15.50
C ALA B 135 -13.91 13.48 15.72
N ASP B 136 -13.33 14.45 15.02
CA ASP B 136 -13.86 15.80 14.98
C ASP B 136 -14.69 16.05 13.72
N THR B 137 -14.40 15.32 12.64
CA THR B 137 -15.04 15.45 11.34
C THR B 137 -15.34 14.06 10.84
N ILE B 138 -16.63 13.76 10.60
CA ILE B 138 -17.05 12.47 10.09
C ILE B 138 -17.48 12.63 8.65
N MET B 139 -16.81 11.93 7.74
CA MET B 139 -17.11 11.95 6.31
C MET B 139 -17.57 10.57 5.86
N CYS B 140 -18.55 10.54 4.96
CA CYS B 140 -18.97 9.26 4.40
C CYS B 140 -19.54 9.48 3.00
N ASP B 141 -18.91 8.86 2.00
CA ASP B 141 -19.37 8.99 0.62
C ASP B 141 -19.88 7.65 0.07
N ILE B 142 -20.46 6.82 0.93
CA ILE B 142 -20.95 5.50 0.55
C ILE B 142 -22.35 5.62 -0.04
N GLY B 143 -22.60 4.92 -1.13
CA GLY B 143 -23.93 4.83 -1.71
C GLY B 143 -23.88 4.46 -3.17
N GLU B 144 -23.94 3.18 -3.47
CA GLU B 144 -23.74 2.69 -4.82
C GLU B 144 -25.08 2.69 -5.56
N SER B 145 -25.13 3.40 -6.69
CA SER B 145 -26.31 3.44 -7.53
C SER B 145 -26.73 2.03 -7.94
N ASN B 146 -28.05 1.85 -8.05
CA ASN B 146 -28.63 0.56 -8.41
C ASN B 146 -29.95 0.84 -9.11
N PRO B 147 -30.32 0.04 -10.12
CA PRO B 147 -31.62 0.24 -10.78
C PRO B 147 -32.81 0.13 -9.85
N ASP B 148 -32.71 -0.62 -8.75
CA ASP B 148 -33.82 -0.84 -7.84
C ASP B 148 -33.74 0.18 -6.72
N ALA B 149 -34.76 1.02 -6.60
CA ALA B 149 -34.80 2.08 -5.60
C ALA B 149 -34.95 1.55 -4.18
N VAL B 150 -35.49 0.35 -4.00
CA VAL B 150 -35.51 -0.25 -2.67
C VAL B 150 -34.09 -0.57 -2.22
N VAL B 151 -33.27 -1.08 -3.13
CA VAL B 151 -31.87 -1.31 -2.80
C VAL B 151 -31.18 0.01 -2.51
N GLU B 152 -31.43 1.03 -3.32
CA GLU B 152 -30.82 2.33 -3.05
C GLU B 152 -31.27 2.88 -1.70
N GLY B 153 -32.54 2.70 -1.35
CA GLY B 153 -33.02 3.18 -0.06
C GLY B 153 -32.41 2.45 1.12
N GLU B 154 -32.27 1.12 1.01
CA GLU B 154 -31.65 0.35 2.09
C GLU B 154 -30.19 0.75 2.28
N ARG B 155 -29.45 0.94 1.19
CA ARG B 155 -28.05 1.35 1.29
C ARG B 155 -27.93 2.74 1.91
N THR B 156 -28.81 3.64 1.50
CA THR B 156 -28.85 4.97 2.11
C THR B 156 -29.15 4.89 3.59
N ARG B 157 -30.14 4.08 3.97
CA ARG B 157 -30.52 3.95 5.36
C ARG B 157 -29.36 3.44 6.22
N LYS B 158 -28.57 2.52 5.69
CA LYS B 158 -27.42 2.04 6.45
C LYS B 158 -26.38 3.13 6.66
N VAL B 159 -26.23 4.03 5.69
CA VAL B 159 -25.29 5.15 5.86
C VAL B 159 -25.78 6.07 6.95
N ILE B 160 -27.07 6.41 6.93
CA ILE B 160 -27.60 7.31 7.96
C ILE B 160 -27.45 6.68 9.35
N LEU B 161 -27.69 5.37 9.46
CA LEU B 161 -27.49 4.70 10.74
C LEU B 161 -26.02 4.69 11.14
N LEU B 162 -25.13 4.46 10.18
CA LEU B 162 -23.70 4.57 10.45
C LEU B 162 -23.35 5.95 10.99
N MET B 163 -23.96 6.99 10.43
CA MET B 163 -23.71 8.35 10.88
C MET B 163 -24.23 8.60 12.28
N GLU B 164 -25.41 8.03 12.63
CA GLU B 164 -25.95 8.17 13.98
C GLU B 164 -25.07 7.47 15.01
N GLN B 165 -24.44 6.36 14.63
CA GLN B 165 -23.50 5.70 15.52
C GLN B 165 -22.29 6.59 15.77
N TRP B 166 -21.70 7.10 14.70
CA TRP B 166 -20.49 7.91 14.82
C TRP B 166 -20.75 9.23 15.52
N LYS B 167 -21.97 9.75 15.39
CA LYS B 167 -22.33 10.97 16.10
C LYS B 167 -22.68 10.70 17.56
N ASN B 168 -23.24 9.54 17.88
CA ASN B 168 -23.47 9.21 19.29
C ASN B 168 -22.13 9.14 20.01
N ARG B 169 -21.10 8.62 19.33
CA ARG B 169 -19.76 8.59 19.90
C ARG B 169 -19.13 9.97 19.89
N ASN B 170 -19.46 10.80 18.91
CA ASN B 170 -18.88 12.14 18.75
C ASN B 170 -20.00 13.17 18.57
N PRO B 171 -20.71 13.51 19.66
CA PRO B 171 -21.85 14.44 19.52
C PRO B 171 -21.48 15.83 19.04
N THR B 172 -20.25 16.28 19.27
CA THR B 172 -19.82 17.60 18.83
C THR B 172 -19.27 17.59 17.41
N ALA B 173 -19.06 16.43 16.83
CA ALA B 173 -18.38 16.37 15.54
C ALA B 173 -19.26 16.95 14.43
N THR B 174 -18.60 17.52 13.43
CA THR B 174 -19.29 17.89 12.20
C THR B 174 -19.37 16.67 11.29
N CYS B 175 -20.39 16.62 10.45
CA CYS B 175 -20.42 15.52 9.50
C CYS B 175 -20.96 15.93 8.15
N VAL B 176 -20.52 15.19 7.14
CA VAL B 176 -20.91 15.39 5.76
C VAL B 176 -21.01 14.00 5.15
N PHE B 177 -22.18 13.65 4.63
CA PHE B 177 -22.32 12.30 4.12
C PHE B 177 -23.25 12.27 2.92
N LYS B 178 -22.93 11.35 2.02
CA LYS B 178 -23.75 11.11 0.86
C LYS B 178 -25.08 10.49 1.29
N VAL B 179 -26.16 10.98 0.68
CA VAL B 179 -27.48 10.39 0.83
C VAL B 179 -27.90 9.96 -0.58
N LEU B 180 -27.83 8.66 -0.86
CA LEU B 180 -27.94 8.19 -2.24
C LEU B 180 -29.36 8.38 -2.79
N ALA B 181 -30.36 8.02 -2.00
CA ALA B 181 -31.76 8.01 -2.46
C ALA B 181 -32.59 8.80 -1.46
N PRO B 182 -32.46 10.14 -1.46
CA PRO B 182 -33.12 10.94 -0.44
C PRO B 182 -34.63 11.02 -0.61
N TYR B 183 -35.17 10.57 -1.74
CA TYR B 183 -36.60 10.66 -1.99
C TYR B 183 -37.39 9.50 -1.38
N ARG B 184 -36.71 8.47 -0.86
CA ARG B 184 -37.36 7.28 -0.31
C ARG B 184 -37.90 7.57 1.08
N PRO B 185 -39.11 7.10 1.40
CA PRO B 185 -39.75 7.51 2.66
C PRO B 185 -39.03 7.01 3.89
N GLU B 186 -38.36 5.86 3.82
CA GLU B 186 -37.55 5.41 4.95
C GLU B 186 -36.31 6.29 5.12
N VAL B 187 -35.77 6.80 4.02
CA VAL B 187 -34.66 7.76 4.08
C VAL B 187 -35.11 9.06 4.71
N ILE B 188 -36.16 9.69 4.15
CA ILE B 188 -36.66 10.94 4.71
C ILE B 188 -36.91 10.80 6.21
N GLU B 189 -37.47 9.66 6.63
CA GLU B 189 -37.69 9.45 8.05
C GLU B 189 -36.37 9.42 8.81
N ALA B 190 -35.39 8.70 8.29
CA ALA B 190 -34.11 8.60 8.99
C ALA B 190 -33.42 9.96 9.02
N LEU B 191 -33.43 10.68 7.88
CA LEU B 191 -32.82 12.00 7.84
C LEU B 191 -33.49 12.96 8.81
N HIS B 192 -34.82 12.95 8.86
CA HIS B 192 -35.54 13.86 9.75
C HIS B 192 -35.24 13.55 11.21
N ARG B 193 -35.18 12.28 11.57
CA ARG B 193 -34.71 11.93 12.91
C ARG B 193 -33.31 12.46 13.16
N PHE B 194 -32.44 12.35 12.17
CA PHE B 194 -31.07 12.83 12.31
C PHE B 194 -31.03 14.35 12.48
N GLN B 195 -31.79 15.07 11.65
CA GLN B 195 -31.85 16.51 11.78
C GLN B 195 -32.40 16.93 13.14
N LEU B 196 -33.37 16.18 13.68
CA LEU B 196 -33.97 16.56 14.95
C LEU B 196 -32.97 16.52 16.09
N GLN B 197 -31.99 15.62 16.03
CA GLN B 197 -31.00 15.51 17.08
C GLN B 197 -29.74 16.33 16.81
N TRP B 198 -29.29 16.41 15.56
CA TRP B 198 -27.98 16.95 15.23
C TRP B 198 -28.00 18.19 14.34
N GLY B 199 -29.16 18.67 13.91
CA GLY B 199 -29.16 19.77 12.97
C GLY B 199 -28.76 19.30 11.57
N GLY B 200 -28.49 20.26 10.71
CA GLY B 200 -28.00 19.93 9.38
C GLY B 200 -29.09 20.00 8.31
N GLY B 201 -28.69 19.64 7.10
CA GLY B 201 -29.59 19.71 5.97
C GLY B 201 -28.93 19.15 4.73
N LEU B 202 -29.67 19.22 3.62
CA LEU B 202 -29.30 18.56 2.37
C LEU B 202 -28.94 19.58 1.30
N VAL B 203 -27.96 19.22 0.47
CA VAL B 203 -27.55 20.05 -0.65
C VAL B 203 -27.18 19.16 -1.83
N ARG B 204 -27.40 19.68 -3.02
CA ARG B 204 -27.04 19.03 -4.28
C ARG B 204 -25.74 19.62 -4.78
N THR B 205 -24.82 18.74 -5.18
CA THR B 205 -23.55 19.06 -5.82
C THR B 205 -23.75 19.14 -7.33
N PRO B 206 -23.23 20.17 -8.01
CA PRO B 206 -23.42 20.26 -9.46
C PRO B 206 -22.57 19.28 -10.26
N PHE B 207 -21.62 18.59 -9.62
CA PHE B 207 -20.88 17.53 -10.28
C PHE B 207 -21.64 16.21 -10.31
N SER B 208 -22.77 16.10 -9.61
CA SER B 208 -23.55 14.87 -9.58
C SER B 208 -24.29 14.67 -10.90
N ARG B 209 -24.08 13.53 -11.53
CA ARG B 209 -24.77 13.20 -12.78
C ARG B 209 -26.28 13.22 -12.57
N ASN B 210 -27.01 13.55 -13.63
CA ASN B 210 -28.47 13.47 -13.55
C ASN B 210 -28.95 12.05 -13.35
N SER B 211 -28.07 11.05 -13.55
CA SER B 211 -28.40 9.65 -13.35
C SER B 211 -28.54 9.28 -11.89
N THR B 212 -28.30 10.20 -10.96
CA THR B 212 -28.41 9.88 -9.56
C THR B 212 -29.12 11.02 -8.85
N HIS B 213 -29.85 10.66 -7.81
CA HIS B 213 -30.54 11.62 -6.95
C HIS B 213 -29.71 11.99 -5.72
N GLU B 214 -28.45 11.53 -5.67
CA GLU B 214 -27.61 11.73 -4.50
C GLU B 214 -27.62 13.20 -4.07
N MET B 215 -27.80 13.41 -2.77
CA MET B 215 -27.60 14.69 -2.15
C MET B 215 -26.72 14.48 -0.94
N TYR B 216 -26.07 15.55 -0.49
CA TYR B 216 -25.14 15.45 0.61
C TYR B 216 -25.76 16.11 1.82
N TYR B 217 -25.68 15.41 2.95
CA TYR B 217 -26.14 15.92 4.22
C TYR B 217 -24.96 16.46 5.00
N SER B 218 -25.14 17.63 5.62
CA SER B 218 -24.09 18.27 6.36
C SER B 218 -24.67 18.98 7.57
N THR B 219 -24.02 18.83 8.72
CA THR B 219 -24.43 19.55 9.91
C THR B 219 -24.26 21.06 9.79
N ALA B 220 -23.58 21.53 8.75
CA ALA B 220 -23.29 22.97 8.61
C ALA B 220 -24.34 23.70 7.80
N VAL B 221 -25.35 23.02 7.27
CA VAL B 221 -26.36 23.69 6.49
C VAL B 221 -27.71 23.51 7.17
N THR B 222 -28.69 24.21 6.60
CA THR B 222 -30.05 24.32 7.08
C THR B 222 -30.97 23.86 5.96
N GLY B 223 -32.22 23.62 6.30
CA GLY B 223 -33.26 23.48 5.29
C GLY B 223 -34.25 22.37 5.56
N ASN B 224 -35.48 22.58 5.10
CA ASN B 224 -36.49 21.55 5.16
C ASN B 224 -36.09 20.41 4.23
N ILE B 225 -36.00 19.19 4.78
CA ILE B 225 -35.53 18.06 3.99
C ILE B 225 -36.49 17.74 2.85
N VAL B 226 -37.78 17.62 3.17
CA VAL B 226 -38.76 17.31 2.13
C VAL B 226 -38.68 18.32 1.00
N ASN B 227 -38.66 19.61 1.35
CA ASN B 227 -38.63 20.65 0.33
C ASN B 227 -37.37 20.56 -0.51
N SER B 228 -36.20 20.39 0.13
CA SER B 228 -34.95 20.23 -0.60
C SER B 228 -35.01 19.05 -1.55
N VAL B 229 -35.55 17.91 -1.09
CA VAL B 229 -35.58 16.73 -1.93
C VAL B 229 -36.51 16.94 -3.11
N ASN B 230 -37.68 17.54 -2.88
CA ASN B 230 -38.64 17.73 -3.97
C ASN B 230 -38.11 18.73 -5.00
N ILE B 231 -37.48 19.82 -4.55
CA ILE B 231 -36.85 20.76 -5.47
C ILE B 231 -35.88 20.04 -6.40
N GLN B 232 -35.05 19.15 -5.84
CA GLN B 232 -34.10 18.41 -6.67
C GLN B 232 -34.83 17.47 -7.64
N SER B 233 -35.81 16.73 -7.14
CA SER B 233 -36.58 15.85 -8.01
C SER B 233 -37.21 16.64 -9.15
N ARG B 234 -37.75 17.83 -8.84
CA ARG B 234 -38.33 18.65 -9.90
C ARG B 234 -37.27 19.11 -10.88
N LYS B 235 -36.05 19.38 -10.40
CA LYS B 235 -34.96 19.75 -11.30
C LYS B 235 -34.53 18.58 -12.17
N LEU B 236 -34.49 17.36 -11.61
CA LEU B 236 -34.03 16.21 -12.38
C LEU B 236 -35.05 15.83 -13.46
N LEU B 237 -36.32 15.76 -13.08
CA LEU B 237 -37.37 15.56 -14.08
C LEU B 237 -37.29 16.64 -15.17
N ALA B 238 -37.01 17.88 -14.78
CA ALA B 238 -37.01 18.98 -15.73
C ALA B 238 -36.04 18.72 -16.89
N ARG B 239 -34.82 18.30 -16.60
CA ARG B 239 -33.79 18.19 -17.63
C ARG B 239 -33.96 16.97 -18.52
N PHE B 240 -34.97 16.13 -18.30
CA PHE B 240 -35.32 15.10 -19.26
C PHE B 240 -35.72 15.75 -20.59
N GLY B 241 -34.83 15.76 -21.56
CA GLY B 241 -35.16 16.26 -22.89
C GLY B 241 -34.32 17.39 -23.42
N ASP B 242 -33.44 17.99 -22.63
CA ASP B 242 -32.46 18.94 -23.17
C ASP B 242 -31.11 18.25 -23.28
N GLN B 243 -30.29 18.71 -24.24
CA GLN B 243 -29.04 18.04 -24.58
C GLN B 243 -27.84 18.98 -24.55
N ARG B 244 -27.92 20.09 -23.80
CA ARG B 244 -26.84 21.07 -23.78
C ARG B 244 -25.50 20.44 -23.42
N GLY B 245 -25.50 19.40 -22.61
CA GLY B 245 -24.27 18.73 -22.24
C GLY B 245 -23.62 19.34 -21.03
N PRO B 246 -22.39 18.92 -20.73
CA PRO B 246 -21.74 19.31 -19.48
C PRO B 246 -20.76 20.48 -19.64
N THR B 247 -20.71 21.34 -18.61
CA THR B 247 -19.77 22.44 -18.59
C THR B 247 -18.46 21.93 -18.01
N ARG B 248 -17.45 21.79 -18.87
CA ARG B 248 -16.16 21.25 -18.44
C ARG B 248 -15.39 22.28 -17.62
N VAL B 249 -14.74 21.80 -16.56
CA VAL B 249 -14.01 22.67 -15.64
C VAL B 249 -12.71 21.97 -15.24
N PRO B 250 -11.65 22.75 -15.01
CA PRO B 250 -10.40 22.14 -14.55
C PRO B 250 -10.59 21.19 -13.38
N GLU B 251 -9.85 20.08 -13.40
CA GLU B 251 -9.80 19.19 -12.26
C GLU B 251 -8.89 19.79 -11.19
N LEU B 252 -9.20 19.49 -9.93
CA LEU B 252 -8.44 20.04 -8.82
C LEU B 252 -7.03 19.46 -8.77
N ASP B 253 -6.05 20.33 -8.59
CA ASP B 253 -4.68 19.94 -8.28
C ASP B 253 -4.33 20.45 -6.89
N LEU B 254 -4.19 19.52 -5.95
CA LEU B 254 -3.90 19.85 -4.56
C LEU B 254 -2.42 20.13 -4.32
N GLY B 255 -1.56 19.96 -5.31
CA GLY B 255 -0.13 19.96 -5.06
C GLY B 255 0.32 18.71 -4.31
N VAL B 256 1.62 18.64 -4.04
CA VAL B 256 2.26 17.45 -3.49
C VAL B 256 3.13 17.84 -2.29
N GLY B 257 3.52 16.83 -1.54
CA GLY B 257 4.37 17.01 -0.38
C GLY B 257 3.65 16.68 0.93
N THR B 258 4.46 16.65 1.98
CA THR B 258 4.04 16.23 3.29
C THR B 258 3.58 17.42 4.12
N ARG B 259 2.95 17.12 5.26
CA ARG B 259 2.50 18.17 6.16
C ARG B 259 2.86 17.80 7.59
N GLY B 260 3.38 18.77 8.34
CA GLY B 260 3.62 18.58 9.76
C GLY B 260 2.37 18.21 10.54
N SAM C . 24.00 -13.64 4.60
CA SAM C . 24.42 -13.15 5.91
C SAM C . 24.03 -14.07 7.05
O SAM C . 24.46 -13.88 8.19
OXT SAM C . 23.26 -15.02 6.85
CB SAM C . 23.83 -11.77 6.13
CG SAM C . 24.37 -10.79 5.10
SD SAM C . 25.00 -9.33 5.92
CE SAM C . 23.48 -8.35 5.97
C5' SAM C . 25.86 -8.51 4.58
C4' SAM C . 27.32 -8.34 4.96
O4' SAM C . 28.02 -7.81 3.87
C3' SAM C . 27.52 -7.40 6.15
O3' SAM C . 28.13 -8.09 7.23
C2' SAM C . 28.42 -6.32 5.60
O2' SAM C . 29.38 -5.94 6.56
C1' SAM C . 29.04 -6.99 4.40
N9 SAM C . 29.52 -6.05 3.37
C8 SAM C . 28.98 -4.83 3.02
N7 SAM C . 29.77 -4.33 2.03
C5 SAM C . 30.77 -5.19 1.77
C6 SAM C . 31.83 -5.17 0.86
N6 SAM C . 32.00 -4.13 0.05
N1 SAM C . 32.72 -6.22 0.82
C2 SAM C . 32.52 -7.30 1.67
N3 SAM C . 31.47 -7.33 2.56
C4 SAM C . 30.62 -6.29 2.61
N SAM D . -15.33 9.85 -1.69
CA SAM D . -14.54 8.94 -2.51
C SAM D . -13.55 9.65 -3.43
O SAM D . -13.45 10.88 -3.41
OXT SAM D . -12.84 9.00 -4.20
CB SAM D . -15.45 8.04 -3.32
CG SAM D . -15.98 6.93 -2.41
SD SAM D . -16.90 5.69 -3.31
CE SAM D . -18.30 6.65 -3.93
C5' SAM D . -17.63 4.83 -1.91
C4' SAM D . -16.70 3.72 -1.44
O4' SAM D . -17.25 3.12 -0.30
C3' SAM D . -16.56 2.64 -2.48
O3' SAM D . -15.22 2.50 -2.87
C2' SAM D . -17.00 1.36 -1.79
O2' SAM D . -16.15 0.29 -2.12
C1' SAM D . -16.92 1.76 -0.33
N9 SAM D . -17.78 0.97 0.55
C8 SAM D . -19.05 0.50 0.30
N7 SAM D . -19.46 -0.17 1.40
C5 SAM D . -18.48 -0.15 2.34
C6 SAM D . -18.39 -0.67 3.63
N6 SAM D . -19.40 -1.39 4.15
N1 SAM D . -17.24 -0.46 4.36
C2 SAM D . -16.19 0.27 3.82
N3 SAM D . -16.29 0.79 2.55
C4 SAM D . -17.41 0.58 1.82
#